data_5MJB
#
_entry.id   5MJB
#
_cell.length_a   102.200
_cell.length_b   102.200
_cell.length_c   157.550
_cell.angle_alpha   90.00
_cell.angle_beta   90.00
_cell.angle_gamma   120.00
#
_symmetry.space_group_name_H-M   'P 31 2 1'
#
loop_
_entity.id
_entity.type
_entity.pdbx_description
1 polymer 'Ephrin type-B receptor 1'
2 non-polymer 2-chloranyl-~{N}-[4-[(2-chloranyl-5-oxidanyl-phenyl)amino]quinazolin-7-yl]ethanamide
3 non-polymer 'SULFATE ION'
4 water water
#
_entity_poly.entity_id   1
_entity_poly.type   'polypeptide(L)'
_entity_poly.pdbx_seq_one_letter_code
;MGHHHHHHGSDPNEAVREFAKEIDVSFVKIEEVIGAGEFGEVYKGRLKLPGKREI(PTR)VAIKTLKAGYSEKQRRDFLS
EASIMGQFDHRNIIRLEGVVTKSRPVMIITEFMENCALDSFLRQNDGQFTVIQLVGMLRGIAAGMKYLSEMNYVHRDLAA
RNILVNSNLVCKVSDFGLSRYLQDDTSDPT(PTR)TSSLGGKIPVRWTAPEAIAYRKFTSASDVWSYGIVMWEVMSFGER
PYWDMSNQDVINAIEQDYRLPPPMDCPAALHQLMLDCWQKDRNSRPRFAEIVNTLDKMIRNPASLKTVATITA
;
_entity_poly.pdbx_strand_id   A,B
#
loop_
_chem_comp.id
_chem_comp.type
_chem_comp.name
_chem_comp.formula
7O3 non-polymer 2-chloranyl-~{N}-[4-[(2-chloranyl-5-oxidanyl-phenyl)amino]quinazolin-7-yl]ethanamide 'C16 H12 Cl2 N4 O2'
SO4 non-polymer 'SULFATE ION' 'O4 S -2'
#
# COMPACT_ATOMS: atom_id res chain seq x y z
N ARG A 17 2.57 -1.77 25.86
CA ARG A 17 2.19 -1.59 24.46
C ARG A 17 0.90 -2.35 24.11
N GLU A 18 -0.05 -1.63 23.44
CA GLU A 18 -1.32 -2.18 22.98
C GLU A 18 -1.26 -2.39 21.45
N PHE A 19 -1.79 -3.52 20.98
CA PHE A 19 -1.79 -3.86 19.56
C PHE A 19 -3.19 -3.80 19.00
N ALA A 20 -3.38 -2.95 17.96
CA ALA A 20 -4.66 -2.74 17.27
C ALA A 20 -5.17 -4.06 16.69
N LYS A 21 -4.23 -4.92 16.23
CA LYS A 21 -4.55 -6.21 15.64
C LYS A 21 -4.50 -7.39 16.65
N GLU A 22 -4.63 -7.10 17.96
CA GLU A 22 -4.73 -8.15 18.97
C GLU A 22 -5.96 -9.03 18.66
N ILE A 23 -5.78 -10.36 18.72
CA ILE A 23 -6.88 -11.30 18.47
C ILE A 23 -7.02 -12.25 19.65
N ASP A 24 -8.23 -12.74 19.91
CA ASP A 24 -8.44 -13.75 20.95
C ASP A 24 -7.86 -15.08 20.41
N VAL A 25 -7.21 -15.86 21.27
CA VAL A 25 -6.59 -17.17 20.97
C VAL A 25 -7.57 -18.14 20.31
N SER A 26 -8.87 -18.09 20.67
CA SER A 26 -9.89 -18.98 20.11
C SER A 26 -10.14 -18.81 18.62
N PHE A 27 -9.70 -17.67 18.03
CA PHE A 27 -9.86 -17.36 16.61
C PHE A 27 -8.86 -18.11 15.73
N VAL A 28 -7.74 -18.56 16.32
CA VAL A 28 -6.70 -19.28 15.60
C VAL A 28 -6.71 -20.75 15.88
N LYS A 29 -6.48 -21.51 14.80
CA LYS A 29 -6.34 -22.96 14.77
C LYS A 29 -4.96 -23.23 14.15
N ILE A 30 -4.05 -23.78 14.96
CA ILE A 30 -2.71 -24.11 14.54
C ILE A 30 -2.75 -25.47 13.86
N GLU A 31 -2.07 -25.58 12.72
CA GLU A 31 -1.95 -26.84 11.97
C GLU A 31 -0.47 -27.27 11.88
N GLU A 32 0.03 -27.71 10.72
CA GLU A 32 1.41 -28.19 10.56
C GLU A 32 2.49 -27.10 10.66
N VAL A 33 3.73 -27.53 11.03
CA VAL A 33 4.91 -26.67 11.04
C VAL A 33 5.31 -26.46 9.57
N ILE A 34 5.55 -25.20 9.17
CA ILE A 34 5.94 -24.84 7.80
C ILE A 34 7.36 -24.22 7.74
N GLY A 35 7.95 -23.98 8.91
CA GLY A 35 9.27 -23.40 9.02
C GLY A 35 9.78 -23.22 10.42
N ALA A 36 11.01 -22.69 10.51
CA ALA A 36 11.68 -22.39 11.77
C ALA A 36 12.11 -20.92 11.75
N GLY A 37 11.80 -20.22 12.84
CA GLY A 37 12.16 -18.83 13.09
C GLY A 37 13.19 -18.75 14.20
N GLU A 38 13.74 -17.55 14.44
CA GLU A 38 14.76 -17.28 15.45
C GLU A 38 14.32 -17.66 16.88
N PHE A 39 13.04 -17.42 17.19
CA PHE A 39 12.42 -17.60 18.50
C PHE A 39 11.53 -18.86 18.65
N GLY A 40 11.22 -19.51 17.53
CA GLY A 40 10.33 -20.66 17.50
C GLY A 40 9.85 -21.00 16.11
N GLU A 41 9.00 -21.99 15.98
CA GLU A 41 8.52 -22.40 14.67
C GLU A 41 7.47 -21.49 14.08
N VAL A 42 7.28 -21.64 12.76
CA VAL A 42 6.26 -20.97 11.96
C VAL A 42 5.34 -22.11 11.54
N TYR A 43 4.05 -21.96 11.83
CA TYR A 43 3.06 -22.95 11.49
C TYR A 43 2.12 -22.44 10.44
N LYS A 44 1.43 -23.36 9.78
CA LYS A 44 0.30 -23.04 8.92
C LYS A 44 -0.88 -23.09 9.89
N GLY A 45 -1.86 -22.25 9.64
CA GLY A 45 -3.05 -22.26 10.48
C GLY A 45 -4.25 -21.68 9.78
N ARG A 46 -5.32 -21.57 10.54
CA ARG A 46 -6.59 -21.02 10.06
C ARG A 46 -7.01 -19.94 11.05
N LEU A 47 -7.42 -18.79 10.51
CA LEU A 47 -7.90 -17.66 11.29
C LEU A 47 -9.38 -17.43 10.98
N LYS A 48 -10.19 -17.47 12.05
CA LYS A 48 -11.62 -17.24 11.94
C LYS A 48 -12.06 -16.07 12.81
N LEU A 49 -12.22 -14.90 12.18
CA LEU A 49 -12.69 -13.68 12.84
C LEU A 49 -14.20 -13.71 12.84
N PRO A 50 -14.87 -13.23 13.90
CA PRO A 50 -16.35 -13.32 13.94
C PRO A 50 -17.02 -12.60 12.77
N GLY A 51 -17.92 -13.31 12.11
CA GLY A 51 -18.67 -12.83 10.94
C GLY A 51 -17.88 -12.69 9.65
N LYS A 52 -16.67 -13.27 9.58
CA LYS A 52 -15.83 -13.22 8.38
C LYS A 52 -15.44 -14.63 7.97
N ARG A 53 -15.26 -14.87 6.66
CA ARG A 53 -14.86 -16.16 6.12
C ARG A 53 -13.49 -16.54 6.72
N GLU A 54 -13.31 -17.82 7.08
CA GLU A 54 -12.05 -18.34 7.60
C GLU A 54 -10.95 -18.22 6.53
N ILE A 55 -9.72 -17.90 6.96
CA ILE A 55 -8.60 -17.76 6.02
C ILE A 55 -7.44 -18.61 6.45
N PTR A 56 -6.53 -18.92 5.52
CA PTR A 56 -5.29 -19.64 5.85
C PTR A 56 -4.32 -18.56 6.32
O PTR A 56 -4.29 -17.46 5.78
CB PTR A 56 -4.67 -20.39 4.69
CG PTR A 56 -5.37 -21.70 4.44
CD1 PTR A 56 -5.94 -21.90 3.16
CD2 PTR A 56 -5.45 -22.74 5.41
CE1 PTR A 56 -6.60 -23.14 2.86
CE2 PTR A 56 -6.09 -23.99 5.11
CZ PTR A 56 -6.68 -24.20 3.84
OH PTR A 56 -7.33 -25.43 3.54
P PTR A 56 -6.38 -26.46 2.83
O1P PTR A 56 -5.37 -26.97 3.84
O2P PTR A 56 -7.25 -27.62 2.38
O3P PTR A 56 -5.61 -25.91 1.59
N VAL A 57 -3.55 -18.86 7.35
CA VAL A 57 -2.56 -17.91 7.90
C VAL A 57 -1.24 -18.63 8.19
N ALA A 58 -0.18 -17.87 8.39
CA ALA A 58 1.08 -18.39 8.89
C ALA A 58 1.21 -17.82 10.31
N ILE A 59 1.72 -18.60 11.24
CA ILE A 59 1.80 -18.22 12.66
C ILE A 59 3.24 -18.35 13.19
N LYS A 60 3.85 -17.22 13.58
CA LYS A 60 5.18 -17.23 14.20
C LYS A 60 4.96 -17.36 15.70
N THR A 61 5.63 -18.34 16.33
CA THR A 61 5.51 -18.56 17.77
C THR A 61 6.86 -18.34 18.42
N LEU A 62 6.81 -18.19 19.75
CA LEU A 62 7.97 -18.02 20.61
C LEU A 62 8.01 -19.26 21.51
N LYS A 63 9.09 -20.06 21.44
CA LYS A 63 9.27 -21.29 22.22
C LYS A 63 9.06 -21.09 23.70
N ALA A 64 8.42 -22.07 24.37
CA ALA A 64 8.11 -22.00 25.81
C ALA A 64 9.42 -21.96 26.62
N GLY A 65 9.49 -21.14 27.65
CA GLY A 65 10.71 -20.98 28.42
C GLY A 65 11.54 -19.79 27.96
N TYR A 66 10.94 -18.96 27.12
CA TYR A 66 11.56 -17.73 26.63
C TYR A 66 11.84 -16.73 27.76
N SER A 67 12.89 -15.90 27.58
CA SER A 67 13.24 -14.86 28.55
C SER A 67 12.38 -13.64 28.21
N GLU A 68 12.31 -12.66 29.11
CA GLU A 68 11.54 -11.43 28.88
C GLU A 68 12.14 -10.61 27.74
N LYS A 69 13.48 -10.68 27.57
CA LYS A 69 14.22 -10.01 26.49
C LYS A 69 13.81 -10.62 25.16
N GLN A 70 13.67 -11.96 25.11
CA GLN A 70 13.29 -12.68 23.90
C GLN A 70 11.86 -12.34 23.49
N ARG A 71 10.97 -12.17 24.49
CA ARG A 71 9.57 -11.82 24.28
C ARG A 71 9.47 -10.41 23.70
N ARG A 72 10.23 -9.46 24.27
CA ARG A 72 10.29 -8.06 23.83
C ARG A 72 10.78 -7.94 22.38
N ASP A 73 11.87 -8.65 22.01
CA ASP A 73 12.44 -8.67 20.67
C ASP A 73 11.47 -9.33 19.69
N PHE A 74 10.78 -10.39 20.14
CA PHE A 74 9.79 -11.08 19.31
C PHE A 74 8.65 -10.13 18.94
N LEU A 75 8.04 -9.47 19.95
CA LEU A 75 6.93 -8.54 19.78
C LEU A 75 7.29 -7.21 19.12
N SER A 76 8.57 -6.82 19.17
CA SER A 76 9.01 -5.59 18.54
C SER A 76 8.84 -5.71 16.99
N GLU A 77 8.93 -6.96 16.45
CA GLU A 77 8.67 -7.24 15.01
C GLU A 77 7.20 -6.94 14.69
N ALA A 78 6.26 -7.42 15.53
CA ALA A 78 4.82 -7.19 15.41
C ALA A 78 4.47 -5.70 15.45
N SER A 79 5.16 -4.90 16.32
CA SER A 79 4.97 -3.45 16.43
C SER A 79 5.38 -2.75 15.13
N ILE A 80 6.54 -3.14 14.57
CA ILE A 80 7.03 -2.60 13.29
C ILE A 80 6.03 -2.98 12.19
N MET A 81 5.68 -4.27 12.09
CA MET A 81 4.76 -4.81 11.06
C MET A 81 3.39 -4.17 11.06
N GLY A 82 2.88 -3.91 12.26
CA GLY A 82 1.57 -3.30 12.46
C GLY A 82 1.44 -1.90 11.92
N GLN A 83 2.60 -1.23 11.64
CA GLN A 83 2.64 0.13 11.08
C GLN A 83 2.51 0.13 9.53
N PHE A 84 2.58 -1.04 8.88
CA PHE A 84 2.58 -1.17 7.43
C PHE A 84 1.30 -1.70 6.84
N ASP A 85 0.89 -1.16 5.68
CA ASP A 85 -0.29 -1.61 4.94
C ASP A 85 -0.02 -1.47 3.44
N HIS A 86 0.77 -2.42 2.91
CA HIS A 86 1.17 -2.41 1.49
C HIS A 86 1.10 -3.82 0.93
N ARG A 87 0.72 -3.96 -0.35
CA ARG A 87 0.60 -5.23 -1.07
C ARG A 87 1.90 -6.05 -1.06
N ASN A 88 3.07 -5.36 -1.10
CA ASN A 88 4.36 -6.01 -1.15
C ASN A 88 5.11 -6.04 0.19
N ILE A 89 4.38 -5.87 1.29
CA ILE A 89 4.83 -6.01 2.69
C ILE A 89 3.91 -7.06 3.30
N ILE A 90 4.49 -8.12 3.90
CA ILE A 90 3.73 -9.18 4.55
C ILE A 90 2.70 -8.58 5.52
N ARG A 91 1.42 -8.91 5.31
CA ARG A 91 0.31 -8.39 6.08
C ARG A 91 0.15 -9.05 7.45
N LEU A 92 0.07 -8.22 8.48
CA LEU A 92 -0.20 -8.65 9.84
C LEU A 92 -1.72 -8.83 9.94
N GLU A 93 -2.15 -10.06 10.20
CA GLU A 93 -3.56 -10.40 10.36
C GLU A 93 -3.97 -10.31 11.84
N GLY A 94 -3.04 -10.70 12.72
CA GLY A 94 -3.33 -10.69 14.15
C GLY A 94 -2.10 -10.89 15.00
N VAL A 95 -2.19 -10.51 16.28
CA VAL A 95 -1.11 -10.67 17.26
C VAL A 95 -1.75 -11.26 18.54
N VAL A 96 -1.04 -12.17 19.23
CA VAL A 96 -1.52 -12.73 20.51
C VAL A 96 -0.47 -12.33 21.53
N THR A 97 -0.81 -11.38 22.41
CA THR A 97 0.09 -10.88 23.47
C THR A 97 -0.53 -10.98 24.85
N LYS A 98 -1.88 -10.98 24.93
CA LYS A 98 -2.61 -10.99 26.22
C LYS A 98 -3.03 -12.38 26.68
N SER A 99 -2.67 -13.39 25.91
CA SER A 99 -2.97 -14.79 26.22
C SER A 99 -1.76 -15.61 25.79
N ARG A 100 -1.68 -16.85 26.25
CA ARG A 100 -0.56 -17.74 25.93
C ARG A 100 -0.97 -18.84 24.94
N PRO A 101 -0.14 -19.17 23.93
CA PRO A 101 1.20 -18.62 23.64
C PRO A 101 1.16 -17.34 22.81
N VAL A 102 2.23 -16.53 22.89
CA VAL A 102 2.37 -15.33 22.11
C VAL A 102 2.64 -15.71 20.63
N MET A 103 1.87 -15.09 19.71
CA MET A 103 1.89 -15.39 18.27
C MET A 103 1.83 -14.13 17.42
N ILE A 104 2.47 -14.18 16.24
CA ILE A 104 2.45 -13.15 15.19
C ILE A 104 1.77 -13.87 14.01
N ILE A 105 0.59 -13.39 13.59
CA ILE A 105 -0.21 -14.04 12.55
C ILE A 105 -0.23 -13.21 11.27
N THR A 106 0.20 -13.81 10.15
CA THR A 106 0.29 -13.13 8.86
C THR A 106 -0.49 -13.86 7.80
N GLU A 107 -0.64 -13.22 6.63
CA GLU A 107 -1.30 -13.84 5.47
C GLU A 107 -0.45 -15.06 5.07
N PHE A 108 -1.10 -16.15 4.67
CA PHE A 108 -0.36 -17.36 4.30
C PHE A 108 0.27 -17.20 2.90
N MET A 109 1.56 -17.57 2.76
CA MET A 109 2.31 -17.45 1.48
C MET A 109 2.69 -18.84 0.98
N GLU A 110 1.89 -19.32 0.04
CA GLU A 110 1.92 -20.67 -0.53
C GLU A 110 3.27 -21.09 -1.08
N ASN A 111 4.00 -20.18 -1.71
CA ASN A 111 5.26 -20.52 -2.34
C ASN A 111 6.51 -20.22 -1.53
N CYS A 112 6.34 -19.93 -0.22
CA CYS A 112 7.43 -19.77 0.75
C CYS A 112 8.48 -18.69 0.36
N ALA A 113 9.73 -18.89 0.78
CA ALA A 113 10.86 -17.98 0.52
C ALA A 113 11.22 -17.93 -0.96
N LEU A 114 11.49 -16.73 -1.45
CA LEU A 114 11.81 -16.47 -2.85
C LEU A 114 13.02 -17.26 -3.37
N ASP A 115 14.14 -17.30 -2.62
CA ASP A 115 15.35 -17.99 -3.08
C ASP A 115 15.14 -19.49 -3.30
N SER A 116 14.48 -20.18 -2.34
CA SER A 116 14.19 -21.61 -2.44
C SER A 116 13.09 -21.90 -3.47
N PHE A 117 12.12 -20.99 -3.63
CA PHE A 117 11.06 -21.11 -4.62
C PHE A 117 11.68 -21.13 -6.05
N LEU A 118 12.59 -20.16 -6.33
CA LEU A 118 13.25 -20.06 -7.63
C LEU A 118 14.15 -21.25 -7.95
N ARG A 119 14.90 -21.76 -6.94
CA ARG A 119 15.76 -22.94 -7.12
C ARG A 119 14.95 -24.20 -7.44
N GLN A 120 13.78 -24.34 -6.80
CA GLN A 120 12.87 -25.46 -7.02
C GLN A 120 12.09 -25.33 -8.34
N ASN A 121 12.23 -24.18 -9.02
CA ASN A 121 11.49 -23.84 -10.23
C ASN A 121 12.40 -23.16 -11.25
N ASP A 122 13.61 -23.73 -11.41
CA ASP A 122 14.65 -23.22 -12.29
C ASP A 122 14.19 -23.26 -13.76
N GLY A 123 14.21 -22.09 -14.40
CA GLY A 123 13.76 -21.88 -15.78
C GLY A 123 12.27 -22.01 -16.03
N GLN A 124 11.43 -22.01 -14.98
CA GLN A 124 9.97 -22.12 -15.11
C GLN A 124 9.29 -20.81 -15.51
N PHE A 125 9.98 -19.66 -15.30
CA PHE A 125 9.44 -18.30 -15.49
C PHE A 125 10.15 -17.49 -16.56
N THR A 126 9.39 -16.65 -17.27
CA THR A 126 9.91 -15.77 -18.32
C THR A 126 10.59 -14.55 -17.66
N VAL A 127 11.38 -13.80 -18.44
CA VAL A 127 12.08 -12.58 -17.99
C VAL A 127 11.06 -11.59 -17.42
N ILE A 128 9.94 -11.37 -18.13
CA ILE A 128 8.87 -10.45 -17.70
C ILE A 128 8.22 -10.91 -16.37
N GLN A 129 8.05 -12.23 -16.15
CA GLN A 129 7.51 -12.73 -14.86
C GLN A 129 8.47 -12.39 -13.74
N LEU A 130 9.80 -12.57 -13.97
CA LEU A 130 10.85 -12.28 -12.99
C LEU A 130 10.93 -10.77 -12.71
N VAL A 131 10.81 -9.93 -13.77
CA VAL A 131 10.80 -8.46 -13.64
C VAL A 131 9.58 -8.00 -12.79
N GLY A 132 8.42 -8.65 -12.98
CA GLY A 132 7.22 -8.40 -12.20
C GLY A 132 7.45 -8.66 -10.71
N MET A 133 8.15 -9.77 -10.38
CA MET A 133 8.51 -10.13 -9.00
C MET A 133 9.41 -9.02 -8.40
N LEU A 134 10.40 -8.55 -9.18
CA LEU A 134 11.34 -7.51 -8.79
C LEU A 134 10.68 -6.17 -8.58
N ARG A 135 9.69 -5.84 -9.42
CA ARG A 135 8.92 -4.61 -9.34
C ARG A 135 8.12 -4.56 -8.03
N GLY A 136 7.48 -5.68 -7.68
CA GLY A 136 6.77 -5.83 -6.40
C GLY A 136 7.69 -5.60 -5.22
N ILE A 137 8.88 -6.23 -5.21
CA ILE A 137 9.87 -6.06 -4.13
C ILE A 137 10.30 -4.59 -3.97
N ALA A 138 10.62 -3.93 -5.10
CA ALA A 138 11.02 -2.52 -5.12
C ALA A 138 9.85 -1.62 -4.61
N ALA A 139 8.59 -2.00 -4.95
CA ALA A 139 7.40 -1.26 -4.50
C ALA A 139 7.24 -1.36 -2.97
N GLY A 140 7.44 -2.56 -2.43
CA GLY A 140 7.41 -2.75 -0.98
C GLY A 140 8.52 -2.00 -0.27
N MET A 141 9.72 -1.94 -0.89
CA MET A 141 10.87 -1.22 -0.34
C MET A 141 10.71 0.30 -0.42
N LYS A 142 10.10 0.82 -1.49
CA LYS A 142 9.78 2.24 -1.64
C LYS A 142 8.85 2.64 -0.47
N TYR A 143 7.83 1.80 -0.21
CA TYR A 143 6.88 2.05 0.88
C TYR A 143 7.58 2.10 2.24
N LEU A 144 8.43 1.08 2.54
CA LEU A 144 9.17 0.92 3.79
C LEU A 144 10.13 2.12 4.00
N SER A 145 10.94 2.45 2.98
CA SER A 145 11.87 3.58 3.07
C SER A 145 11.18 4.93 3.24
N GLU A 146 10.03 5.13 2.57
CA GLU A 146 9.27 6.38 2.72
C GLU A 146 8.55 6.48 4.09
N MET A 147 8.40 5.36 4.83
CA MET A 147 7.87 5.29 6.20
C MET A 147 9.04 5.56 7.18
N ASN A 148 10.25 5.87 6.64
CA ASN A 148 11.50 6.16 7.36
C ASN A 148 12.15 4.96 8.06
N TYR A 149 12.00 3.76 7.46
CA TYR A 149 12.62 2.55 7.97
C TYR A 149 13.74 2.07 7.08
N VAL A 150 14.73 1.43 7.71
CA VAL A 150 15.82 0.71 7.07
C VAL A 150 15.60 -0.78 7.46
N HIS A 151 15.57 -1.66 6.47
CA HIS A 151 15.32 -3.09 6.67
C HIS A 151 16.55 -3.80 7.23
N ARG A 152 17.71 -3.58 6.58
CA ARG A 152 19.07 -4.09 6.89
C ARG A 152 19.26 -5.62 6.62
N ASP A 153 18.19 -6.35 6.27
CA ASP A 153 18.24 -7.79 6.03
C ASP A 153 17.51 -8.17 4.72
N LEU A 154 17.59 -7.29 3.70
CA LEU A 154 16.93 -7.55 2.42
C LEU A 154 17.72 -8.58 1.61
N ALA A 155 17.14 -9.76 1.44
CA ALA A 155 17.70 -10.92 0.76
C ALA A 155 16.55 -11.75 0.25
N ALA A 156 16.76 -12.51 -0.83
CA ALA A 156 15.68 -13.33 -1.38
C ALA A 156 15.11 -14.30 -0.33
N ARG A 157 15.95 -14.79 0.59
CA ARG A 157 15.50 -15.67 1.70
C ARG A 157 14.49 -14.99 2.65
N ASN A 158 14.41 -13.64 2.65
CA ASN A 158 13.49 -12.86 3.51
C ASN A 158 12.33 -12.24 2.73
N ILE A 159 12.10 -12.75 1.50
CA ILE A 159 11.00 -12.37 0.63
C ILE A 159 10.10 -13.61 0.50
N LEU A 160 8.81 -13.44 0.68
CA LEU A 160 7.84 -14.51 0.58
C LEU A 160 7.04 -14.37 -0.69
N VAL A 161 6.63 -15.52 -1.26
CA VAL A 161 5.90 -15.59 -2.54
C VAL A 161 4.55 -16.26 -2.41
N ASN A 162 3.53 -15.72 -3.05
CA ASN A 162 2.22 -16.37 -3.06
C ASN A 162 2.03 -17.17 -4.37
N SER A 163 0.82 -17.71 -4.58
CA SER A 163 0.53 -18.55 -5.75
C SER A 163 0.54 -17.81 -7.09
N ASN A 164 0.29 -16.48 -7.06
CA ASN A 164 0.27 -15.65 -8.26
C ASN A 164 1.57 -14.86 -8.47
N LEU A 165 2.65 -15.34 -7.86
CA LEU A 165 4.01 -14.82 -7.94
C LEU A 165 4.15 -13.43 -7.29
N VAL A 166 3.23 -13.04 -6.38
CA VAL A 166 3.34 -11.75 -5.69
C VAL A 166 4.36 -11.88 -4.56
N CYS A 167 5.42 -11.05 -4.61
CA CYS A 167 6.53 -11.06 -3.67
C CYS A 167 6.34 -10.05 -2.60
N LYS A 168 6.58 -10.45 -1.34
CA LYS A 168 6.40 -9.58 -0.18
C LYS A 168 7.58 -9.58 0.75
N VAL A 169 8.01 -8.38 1.13
CA VAL A 169 9.08 -8.21 2.09
C VAL A 169 8.59 -8.72 3.46
N SER A 170 9.40 -9.55 4.12
CA SER A 170 9.09 -10.04 5.46
C SER A 170 10.36 -9.89 6.34
N ASP A 171 10.39 -10.50 7.56
CA ASP A 171 11.53 -10.56 8.50
C ASP A 171 12.03 -9.17 8.95
N PHE A 172 11.22 -8.51 9.77
CA PHE A 172 11.48 -7.14 10.21
C PHE A 172 12.30 -7.01 11.50
N GLY A 173 12.83 -8.11 12.02
CA GLY A 173 13.66 -8.13 13.22
C GLY A 173 14.81 -7.13 13.29
N LEU A 174 15.54 -6.96 12.16
CA LEU A 174 16.64 -6.02 12.10
C LEU A 174 16.24 -4.60 11.68
N SER A 175 14.96 -4.39 11.32
CA SER A 175 14.46 -3.10 10.87
C SER A 175 14.57 -2.03 11.93
N ARG A 176 14.92 -0.80 11.52
CA ARG A 176 15.10 0.33 12.42
C ARG A 176 14.53 1.63 11.83
N TYR A 177 13.91 2.44 12.70
CA TYR A 177 13.37 3.76 12.33
C TYR A 177 14.54 4.75 12.26
N LEU A 178 14.65 5.47 11.13
CA LEU A 178 15.71 6.47 10.90
C LEU A 178 15.19 7.84 11.35
N PRO A 185 19.51 10.64 7.07
CA PRO A 185 18.96 9.63 7.97
C PRO A 185 19.77 8.33 7.98
N THR A 186 20.40 8.03 9.13
CA THR A 186 21.29 6.90 9.32
C THR A 186 21.03 6.16 10.62
N PTR A 187 21.11 4.82 10.56
CA PTR A 187 21.05 3.96 11.73
C PTR A 187 22.49 3.43 11.90
O PTR A 187 23.03 2.81 10.98
CB PTR A 187 19.88 2.94 11.81
CG PTR A 187 20.13 1.93 12.92
CD1 PTR A 187 19.77 2.13 14.31
CD2 PTR A 187 20.78 0.74 12.52
CE1 PTR A 187 20.09 1.10 15.29
CE2 PTR A 187 21.08 -0.24 13.45
CZ PTR A 187 20.76 -0.10 14.83
OH PTR A 187 21.18 -1.26 15.51
P PTR A 187 20.98 -1.56 17.00
O1P PTR A 187 19.57 -1.21 17.51
O2P PTR A 187 22.02 -0.80 17.81
O3P PTR A 187 21.22 -3.05 17.12
N THR A 188 23.10 3.69 13.07
CA THR A 188 24.44 3.21 13.40
C THR A 188 24.33 2.05 14.41
N SER A 189 24.64 0.79 14.00
CA SER A 189 24.51 -0.40 14.87
C SER A 189 25.66 -0.59 15.85
N SER A 190 25.40 -1.34 16.94
CA SER A 190 26.37 -1.65 18.01
C SER A 190 27.09 -3.00 17.76
N LEU A 191 26.52 -3.83 16.87
CA LEU A 191 27.02 -5.17 16.54
C LEU A 191 27.50 -5.28 15.07
N GLY A 192 28.21 -6.37 14.78
CA GLY A 192 28.72 -6.69 13.45
C GLY A 192 28.55 -8.16 13.06
N GLY A 193 28.25 -8.99 14.05
CA GLY A 193 28.06 -10.44 13.87
C GLY A 193 26.64 -10.88 13.59
N LYS A 194 25.72 -9.92 13.27
CA LYS A 194 24.31 -10.19 12.98
C LYS A 194 23.97 -9.95 11.50
N ILE A 195 24.69 -9.02 10.85
CA ILE A 195 24.53 -8.60 9.46
C ILE A 195 24.90 -9.70 8.44
N PRO A 196 24.12 -9.84 7.36
CA PRO A 196 24.44 -10.84 6.31
C PRO A 196 25.31 -10.18 5.26
N VAL A 197 26.62 -10.40 5.39
CA VAL A 197 27.72 -9.77 4.69
C VAL A 197 27.53 -9.64 3.17
N ARG A 198 27.19 -10.72 2.44
CA ARG A 198 27.16 -10.65 0.97
C ARG A 198 25.97 -9.83 0.41
N TRP A 199 24.99 -9.44 1.25
CA TRP A 199 23.86 -8.59 0.89
C TRP A 199 24.04 -7.15 1.38
N THR A 200 25.04 -6.89 2.25
CA THR A 200 25.26 -5.60 2.91
C THR A 200 26.21 -4.67 2.15
N ALA A 201 25.83 -3.38 2.05
CA ALA A 201 26.61 -2.33 1.41
C ALA A 201 27.97 -2.17 2.10
N PRO A 202 29.04 -1.86 1.34
CA PRO A 202 30.37 -1.75 1.97
C PRO A 202 30.50 -0.74 3.10
N GLU A 203 29.76 0.40 3.02
CA GLU A 203 29.84 1.42 4.07
C GLU A 203 29.13 0.95 5.33
N ALA A 204 28.10 0.11 5.19
CA ALA A 204 27.36 -0.46 6.31
C ALA A 204 28.20 -1.53 6.99
N ILE A 205 29.07 -2.23 6.22
CA ILE A 205 29.99 -3.22 6.79
C ILE A 205 31.10 -2.48 7.58
N ALA A 206 31.74 -1.51 6.92
CA ALA A 206 32.86 -0.76 7.46
C ALA A 206 32.52 0.15 8.64
N TYR A 207 31.34 0.79 8.63
CA TYR A 207 30.99 1.77 9.65
C TYR A 207 29.75 1.46 10.45
N ARG A 208 29.02 0.39 10.11
CA ARG A 208 27.76 0.05 10.78
C ARG A 208 26.70 1.15 10.49
N LYS A 209 26.85 1.84 9.33
CA LYS A 209 25.97 2.91 8.88
C LYS A 209 24.95 2.44 7.83
N PHE A 210 23.71 2.30 8.27
CA PHE A 210 22.59 1.81 7.49
C PHE A 210 21.68 2.93 7.12
N THR A 211 21.37 3.03 5.81
CA THR A 211 20.50 4.06 5.25
C THR A 211 19.59 3.34 4.23
N SER A 212 18.71 4.09 3.58
CA SER A 212 17.88 3.52 2.53
C SER A 212 18.75 3.14 1.33
N ALA A 213 19.87 3.86 1.15
CA ALA A 213 20.88 3.61 0.11
C ALA A 213 21.61 2.26 0.33
N SER A 214 21.79 1.84 1.60
CA SER A 214 22.40 0.53 1.87
C SER A 214 21.39 -0.57 1.57
N ASP A 215 20.08 -0.30 1.80
CA ASP A 215 19.00 -1.23 1.42
C ASP A 215 18.94 -1.37 -0.11
N VAL A 216 19.17 -0.26 -0.86
CA VAL A 216 19.23 -0.26 -2.34
C VAL A 216 20.34 -1.21 -2.80
N TRP A 217 21.52 -1.21 -2.13
CA TRP A 217 22.61 -2.14 -2.43
C TRP A 217 22.09 -3.58 -2.32
N SER A 218 21.44 -3.92 -1.18
CA SER A 218 20.85 -5.23 -0.93
C SER A 218 19.86 -5.63 -2.02
N TYR A 219 19.03 -4.65 -2.46
CA TYR A 219 18.06 -4.85 -3.54
C TYR A 219 18.75 -5.32 -4.84
N GLY A 220 19.88 -4.71 -5.18
CA GLY A 220 20.70 -5.07 -6.34
C GLY A 220 21.14 -6.52 -6.26
N ILE A 221 21.48 -7.00 -5.04
CA ILE A 221 21.84 -8.41 -4.79
C ILE A 221 20.61 -9.30 -5.00
N VAL A 222 19.41 -8.89 -4.47
CA VAL A 222 18.14 -9.61 -4.65
C VAL A 222 17.83 -9.74 -6.17
N MET A 223 18.06 -8.65 -6.95
CA MET A 223 17.88 -8.66 -8.41
C MET A 223 18.73 -9.78 -9.01
N TRP A 224 20.02 -9.88 -8.59
CA TRP A 224 20.94 -10.90 -9.07
C TRP A 224 20.43 -12.30 -8.69
N GLU A 225 19.95 -12.47 -7.45
CA GLU A 225 19.41 -13.74 -6.94
C GLU A 225 18.21 -14.19 -7.79
N VAL A 226 17.32 -13.24 -8.15
CA VAL A 226 16.13 -13.52 -8.93
C VAL A 226 16.48 -13.88 -10.37
N MET A 227 17.30 -13.05 -11.04
CA MET A 227 17.69 -13.32 -12.44
C MET A 227 18.54 -14.60 -12.62
N SER A 228 19.14 -15.12 -11.53
CA SER A 228 19.92 -16.35 -11.59
C SER A 228 19.14 -17.56 -11.01
N PHE A 229 17.82 -17.41 -10.78
CA PHE A 229 16.95 -18.47 -10.25
C PHE A 229 17.46 -19.02 -8.88
N GLY A 230 17.82 -18.10 -7.99
CA GLY A 230 18.23 -18.39 -6.63
C GLY A 230 19.64 -18.88 -6.43
N GLU A 231 20.59 -18.44 -7.27
CA GLU A 231 22.00 -18.79 -7.04
C GLU A 231 22.47 -18.00 -5.82
N ARG A 232 23.47 -18.55 -5.08
CA ARG A 232 24.03 -17.87 -3.92
C ARG A 232 24.92 -16.72 -4.38
N PRO A 233 24.66 -15.48 -3.93
CA PRO A 233 25.55 -14.36 -4.29
C PRO A 233 27.02 -14.66 -3.95
N TYR A 234 27.92 -14.45 -4.93
CA TYR A 234 29.38 -14.69 -4.80
C TYR A 234 29.73 -16.17 -4.60
N TRP A 235 28.76 -17.07 -4.84
CA TRP A 235 28.89 -18.53 -4.78
C TRP A 235 29.54 -19.02 -3.48
N ASP A 236 30.70 -19.69 -3.59
CA ASP A 236 31.46 -20.27 -2.48
C ASP A 236 32.44 -19.31 -1.77
N MET A 237 32.64 -18.08 -2.31
CA MET A 237 33.55 -17.08 -1.73
C MET A 237 33.19 -16.87 -0.26
N SER A 238 34.20 -16.76 0.62
CA SER A 238 33.95 -16.52 2.05
C SER A 238 33.46 -15.07 2.25
N ASN A 239 32.92 -14.76 3.44
CA ASN A 239 32.49 -13.42 3.79
C ASN A 239 33.65 -12.42 3.65
N GLN A 240 34.85 -12.84 4.13
CA GLN A 240 36.10 -12.09 4.04
C GLN A 240 36.50 -11.81 2.59
N ASP A 241 36.40 -12.84 1.72
CA ASP A 241 36.69 -12.71 0.28
C ASP A 241 35.74 -11.70 -0.36
N VAL A 242 34.45 -11.73 0.02
CA VAL A 242 33.44 -10.81 -0.52
C VAL A 242 33.80 -9.37 -0.15
N ILE A 243 34.06 -9.09 1.15
CA ILE A 243 34.45 -7.76 1.65
C ILE A 243 35.62 -7.22 0.87
N ASN A 244 36.63 -8.08 0.69
CA ASN A 244 37.85 -7.81 -0.05
C ASN A 244 37.61 -7.52 -1.53
N ALA A 245 36.79 -8.35 -2.23
CA ALA A 245 36.47 -8.16 -3.65
C ALA A 245 35.74 -6.85 -3.93
N ILE A 246 34.73 -6.51 -3.10
CA ILE A 246 33.94 -5.26 -3.20
C ILE A 246 34.88 -4.04 -3.05
N GLU A 247 35.80 -4.11 -2.05
CA GLU A 247 36.83 -3.10 -1.79
C GLU A 247 37.73 -2.90 -3.02
N GLN A 248 38.03 -3.99 -3.78
CA GLN A 248 38.86 -3.96 -4.99
C GLN A 248 38.03 -3.74 -6.28
N ASP A 249 36.83 -3.17 -6.12
CA ASP A 249 35.85 -2.78 -7.14
C ASP A 249 35.30 -3.96 -7.98
N TYR A 250 35.31 -5.19 -7.42
CA TYR A 250 34.67 -6.31 -8.13
C TYR A 250 33.16 -6.16 -7.93
N ARG A 251 32.38 -6.54 -8.95
CA ARG A 251 30.91 -6.56 -8.94
C ARG A 251 30.47 -7.88 -9.56
N LEU A 252 29.34 -8.45 -9.09
CA LEU A 252 28.81 -9.72 -9.63
C LEU A 252 28.54 -9.61 -11.14
N PRO A 253 28.89 -10.66 -11.93
CA PRO A 253 28.65 -10.58 -13.39
C PRO A 253 27.17 -10.74 -13.72
N PRO A 254 26.69 -10.39 -14.94
CA PRO A 254 25.28 -10.61 -15.23
C PRO A 254 24.91 -12.09 -15.25
N PRO A 255 23.78 -12.52 -14.62
CA PRO A 255 23.36 -13.93 -14.72
C PRO A 255 23.13 -14.39 -16.17
N MET A 256 23.02 -15.70 -16.38
CA MET A 256 22.76 -16.33 -17.68
C MET A 256 21.55 -15.68 -18.37
N ASP A 257 21.75 -15.19 -19.62
CA ASP A 257 20.73 -14.55 -20.49
C ASP A 257 20.02 -13.30 -19.88
N CYS A 258 20.72 -12.60 -18.96
CA CYS A 258 20.17 -11.42 -18.29
C CYS A 258 20.14 -10.20 -19.22
N PRO A 259 18.98 -9.48 -19.43
CA PRO A 259 19.04 -8.26 -20.24
C PRO A 259 20.06 -7.27 -19.69
N ALA A 260 20.77 -6.59 -20.58
CA ALA A 260 21.82 -5.62 -20.25
C ALA A 260 21.31 -4.48 -19.35
N ALA A 261 20.09 -4.00 -19.61
CA ALA A 261 19.42 -2.93 -18.89
C ALA A 261 19.16 -3.32 -17.43
N LEU A 262 18.84 -4.60 -17.20
CA LEU A 262 18.62 -5.13 -15.87
C LEU A 262 19.96 -5.24 -15.13
N HIS A 263 21.02 -5.70 -15.82
CA HIS A 263 22.36 -5.76 -15.19
C HIS A 263 22.87 -4.36 -14.89
N GLN A 264 22.60 -3.39 -15.78
CA GLN A 264 22.97 -2.00 -15.57
C GLN A 264 22.32 -1.44 -14.31
N LEU A 265 21.01 -1.76 -14.08
CA LEU A 265 20.30 -1.36 -12.88
C LEU A 265 20.95 -1.98 -11.62
N MET A 266 21.39 -3.25 -11.71
CA MET A 266 22.12 -3.92 -10.61
C MET A 266 23.39 -3.14 -10.32
N LEU A 267 24.16 -2.75 -11.37
CA LEU A 267 25.40 -1.99 -11.22
C LEU A 267 25.15 -0.61 -10.61
N ASP A 268 24.01 0.01 -10.92
CA ASP A 268 23.60 1.31 -10.36
C ASP A 268 23.35 1.18 -8.84
N CYS A 269 22.76 0.07 -8.40
CA CYS A 269 22.47 -0.25 -6.99
C CYS A 269 23.76 -0.50 -6.24
N TRP A 270 24.82 -0.95 -6.95
CA TRP A 270 26.11 -1.28 -6.36
C TRP A 270 27.17 -0.19 -6.51
N GLN A 271 26.77 1.07 -6.71
CA GLN A 271 27.72 2.18 -6.82
C GLN A 271 28.42 2.33 -5.46
N LYS A 272 29.78 2.50 -5.46
CA LYS A 272 30.58 2.66 -4.24
C LYS A 272 30.04 3.84 -3.41
N ASP A 273 29.82 5.00 -4.08
CA ASP A 273 29.25 6.18 -3.44
C ASP A 273 27.73 5.97 -3.32
N ARG A 274 27.25 5.81 -2.08
CA ARG A 274 25.84 5.58 -1.75
C ARG A 274 24.90 6.66 -2.33
N ASN A 275 25.39 7.89 -2.48
CA ASN A 275 24.62 9.02 -3.01
C ASN A 275 24.37 8.89 -4.51
N SER A 276 25.20 8.10 -5.23
CA SER A 276 25.09 7.84 -6.66
C SER A 276 24.09 6.69 -6.95
N ARG A 277 23.64 5.98 -5.90
CA ARG A 277 22.68 4.88 -6.05
C ARG A 277 21.26 5.43 -6.31
N PRO A 278 20.42 4.77 -7.14
CA PRO A 278 19.05 5.26 -7.30
C PRO A 278 18.24 5.02 -6.01
N ARG A 279 17.20 5.81 -5.80
CA ARG A 279 16.30 5.66 -4.66
C ARG A 279 15.28 4.61 -5.10
N PHE A 280 14.58 3.98 -4.11
CA PHE A 280 13.56 2.98 -4.47
C PHE A 280 12.46 3.51 -5.43
N ALA A 281 12.13 4.84 -5.39
CA ALA A 281 11.13 5.45 -6.28
C ALA A 281 11.61 5.41 -7.75
N GLU A 282 12.93 5.57 -8.00
CA GLU A 282 13.50 5.51 -9.35
C GLU A 282 13.54 4.07 -9.83
N ILE A 283 13.86 3.12 -8.94
CA ILE A 283 13.91 1.71 -9.27
C ILE A 283 12.53 1.22 -9.80
N VAL A 284 11.44 1.52 -9.08
CA VAL A 284 10.05 1.19 -9.45
C VAL A 284 9.75 1.79 -10.83
N ASN A 285 10.13 3.06 -11.04
CA ASN A 285 9.91 3.77 -12.30
C ASN A 285 10.62 3.09 -13.47
N THR A 286 11.87 2.66 -13.26
CA THR A 286 12.69 1.99 -14.27
C THR A 286 12.06 0.66 -14.67
N LEU A 287 11.61 -0.12 -13.68
CA LEU A 287 10.98 -1.41 -13.91
C LEU A 287 9.64 -1.27 -14.61
N ASP A 288 8.83 -0.24 -14.24
CA ASP A 288 7.56 0.05 -14.91
C ASP A 288 7.77 0.35 -16.39
N LYS A 289 8.85 1.12 -16.73
CA LYS A 289 9.20 1.44 -18.12
C LYS A 289 9.67 0.21 -18.87
N MET A 290 10.42 -0.69 -18.22
CA MET A 290 10.90 -1.92 -18.88
C MET A 290 9.73 -2.81 -19.27
N ILE A 291 8.78 -3.00 -18.32
CA ILE A 291 7.55 -3.78 -18.50
C ILE A 291 6.76 -3.27 -19.72
N ARG A 292 6.72 -1.93 -19.92
CA ARG A 292 6.01 -1.29 -21.04
C ARG A 292 6.83 -1.15 -22.32
N ASN A 293 8.16 -1.32 -22.24
CA ASN A 293 9.00 -1.22 -23.44
C ASN A 293 9.79 -2.53 -23.68
N PRO A 294 9.23 -3.47 -24.45
CA PRO A 294 9.91 -4.76 -24.69
C PRO A 294 11.33 -4.69 -25.30
N ALA A 295 11.64 -3.62 -26.06
CA ALA A 295 12.95 -3.41 -26.67
C ALA A 295 14.06 -3.24 -25.61
N SER A 296 13.71 -2.64 -24.46
CA SER A 296 14.66 -2.42 -23.36
C SER A 296 15.20 -3.74 -22.74
N LEU A 297 14.37 -4.82 -22.72
CA LEU A 297 14.74 -6.13 -22.16
C LEU A 297 15.24 -7.12 -23.24
N LYS A 298 15.63 -6.59 -24.44
CA LYS A 298 16.04 -7.35 -25.62
C LYS A 298 17.56 -7.55 -25.79
N THR A 299 18.39 -6.51 -25.52
CA THR A 299 19.86 -6.64 -25.60
C THR A 299 20.38 -7.28 -24.29
N VAL A 300 21.28 -8.29 -24.40
CA VAL A 300 21.83 -9.02 -23.25
C VAL A 300 23.32 -8.80 -23.01
N ARG B 17 6.88 17.00 -18.68
CA ARG B 17 6.68 15.92 -17.71
C ARG B 17 6.64 14.54 -18.38
N GLU B 18 7.43 13.60 -17.82
CA GLU B 18 7.53 12.22 -18.29
C GLU B 18 6.77 11.30 -17.33
N PHE B 19 6.01 10.34 -17.89
CA PHE B 19 5.23 9.40 -17.10
C PHE B 19 5.85 8.00 -17.23
N ALA B 20 6.25 7.41 -16.08
CA ALA B 20 6.86 6.08 -16.00
C ALA B 20 5.89 5.02 -16.56
N LYS B 21 4.57 5.25 -16.37
CA LYS B 21 3.51 4.36 -16.84
C LYS B 21 2.96 4.72 -18.23
N GLU B 22 3.72 5.49 -19.02
CA GLU B 22 3.34 5.79 -20.41
C GLU B 22 3.24 4.47 -21.18
N ILE B 23 2.18 4.29 -21.97
CA ILE B 23 1.99 3.06 -22.74
C ILE B 23 1.82 3.36 -24.21
N ASP B 24 2.15 2.39 -25.06
CA ASP B 24 1.85 2.57 -26.47
C ASP B 24 0.30 2.41 -26.62
N VAL B 25 -0.33 3.21 -27.50
CA VAL B 25 -1.77 3.19 -27.78
C VAL B 25 -2.26 1.77 -28.21
N SER B 26 -1.41 0.97 -28.88
CA SER B 26 -1.76 -0.39 -29.30
C SER B 26 -2.00 -1.38 -28.14
N PHE B 27 -1.55 -1.06 -26.90
CA PHE B 27 -1.76 -1.92 -25.72
C PHE B 27 -3.21 -1.83 -25.20
N VAL B 28 -3.94 -0.71 -25.53
CA VAL B 28 -5.34 -0.49 -25.12
C VAL B 28 -6.35 -0.72 -26.22
N LYS B 29 -7.52 -1.26 -25.83
CA LYS B 29 -8.67 -1.51 -26.69
C LYS B 29 -9.86 -0.92 -25.92
N ILE B 30 -10.41 0.18 -26.43
CA ILE B 30 -11.55 0.89 -25.83
C ILE B 30 -12.86 0.15 -26.17
N GLU B 31 -13.72 -0.04 -25.18
CA GLU B 31 -15.02 -0.69 -25.33
C GLU B 31 -16.15 0.30 -24.97
N GLU B 32 -17.22 -0.15 -24.29
CA GLU B 32 -18.38 0.71 -23.97
C GLU B 32 -18.12 1.84 -22.97
N VAL B 33 -18.96 2.89 -23.04
CA VAL B 33 -18.96 4.04 -22.14
C VAL B 33 -19.55 3.53 -20.81
N ILE B 34 -18.89 3.83 -19.68
CA ILE B 34 -19.31 3.40 -18.34
C ILE B 34 -19.65 4.58 -17.42
N GLY B 35 -19.40 5.79 -17.91
CA GLY B 35 -19.67 7.02 -17.17
C GLY B 35 -19.23 8.29 -17.87
N ALA B 36 -19.39 9.41 -17.17
CA ALA B 36 -19.01 10.74 -17.65
C ALA B 36 -18.13 11.41 -16.61
N GLY B 37 -17.03 12.00 -17.09
CA GLY B 37 -16.06 12.74 -16.29
C GLY B 37 -16.09 14.21 -16.67
N GLU B 38 -15.36 15.05 -15.91
CA GLU B 38 -15.28 16.50 -16.09
C GLU B 38 -14.80 16.93 -17.48
N PHE B 39 -13.83 16.18 -18.04
CA PHE B 39 -13.17 16.48 -19.32
C PHE B 39 -13.60 15.61 -20.51
N GLY B 40 -14.42 14.60 -20.23
CA GLY B 40 -14.91 13.66 -21.24
C GLY B 40 -15.49 12.41 -20.63
N GLU B 41 -15.70 11.37 -21.43
CA GLU B 41 -16.29 10.13 -20.95
C GLU B 41 -15.29 9.14 -20.31
N VAL B 42 -15.83 8.19 -19.55
CA VAL B 42 -15.10 7.11 -18.95
C VAL B 42 -15.57 5.86 -19.71
N TYR B 43 -14.62 5.07 -20.20
CA TYR B 43 -14.87 3.86 -20.97
C TYR B 43 -14.34 2.63 -20.27
N LYS B 44 -14.94 1.47 -20.55
CA LYS B 44 -14.43 0.19 -20.09
C LYS B 44 -13.51 -0.22 -21.25
N GLY B 45 -12.41 -0.89 -20.94
CA GLY B 45 -11.47 -1.32 -21.96
C GLY B 45 -10.66 -2.51 -21.53
N ARG B 46 -9.72 -2.92 -22.38
CA ARG B 46 -8.81 -4.02 -22.11
C ARG B 46 -7.39 -3.52 -22.33
N LEU B 47 -6.51 -3.84 -21.37
CA LEU B 47 -5.09 -3.49 -21.43
C LEU B 47 -4.25 -4.75 -21.55
N LYS B 48 -3.41 -4.81 -22.58
CA LYS B 48 -2.51 -5.94 -22.79
C LYS B 48 -1.04 -5.49 -22.80
N LEU B 49 -0.36 -5.66 -21.67
CA LEU B 49 1.05 -5.33 -21.52
C LEU B 49 1.87 -6.51 -22.00
N PRO B 50 3.04 -6.28 -22.65
CA PRO B 50 3.85 -7.40 -23.15
C PRO B 50 4.22 -8.41 -22.07
N GLY B 51 3.93 -9.68 -22.35
CA GLY B 51 4.19 -10.81 -21.46
C GLY B 51 3.36 -10.89 -20.20
N LYS B 52 2.25 -10.15 -20.13
CA LYS B 52 1.33 -10.16 -18.98
C LYS B 52 -0.06 -10.48 -19.47
N ARG B 53 -0.86 -11.16 -18.62
CA ARG B 53 -2.26 -11.48 -18.92
C ARG B 53 -3.03 -10.18 -19.16
N GLU B 54 -3.94 -10.16 -20.16
CA GLU B 54 -4.80 -9.01 -20.45
C GLU B 54 -5.71 -8.72 -19.24
N ILE B 55 -5.97 -7.44 -18.99
CA ILE B 55 -6.81 -7.06 -17.86
C ILE B 55 -7.91 -6.12 -18.31
N PTR B 56 -8.98 -6.04 -17.53
CA PTR B 56 -10.03 -5.07 -17.81
C PTR B 56 -9.57 -3.76 -17.18
O PTR B 56 -8.95 -3.78 -16.11
CB PTR B 56 -11.39 -5.46 -17.23
CG PTR B 56 -12.10 -6.49 -18.08
CD1 PTR B 56 -12.43 -7.72 -17.47
CD2 PTR B 56 -12.47 -6.25 -19.43
CE1 PTR B 56 -13.13 -8.71 -18.22
CE2 PTR B 56 -13.17 -7.23 -20.19
CZ PTR B 56 -13.51 -8.47 -19.57
OH PTR B 56 -14.18 -9.48 -20.31
P PTR B 56 -15.73 -9.43 -20.20
O1P PTR B 56 -16.18 -9.50 -18.74
O2P PTR B 56 -16.30 -10.68 -20.88
O3P PTR B 56 -16.32 -8.16 -20.82
N VAL B 57 -9.82 -2.64 -17.85
CA VAL B 57 -9.42 -1.32 -17.34
C VAL B 57 -10.55 -0.31 -17.54
N ALA B 58 -10.45 0.82 -16.85
CA ALA B 58 -11.34 1.97 -17.08
C ALA B 58 -10.43 3.02 -17.71
N ILE B 59 -10.97 3.77 -18.68
CA ILE B 59 -10.20 4.75 -19.46
C ILE B 59 -10.86 6.13 -19.42
N LYS B 60 -10.19 7.12 -18.81
CA LYS B 60 -10.67 8.50 -18.77
C LYS B 60 -10.08 9.18 -20.00
N THR B 61 -10.92 9.83 -20.83
CA THR B 61 -10.47 10.54 -22.05
C THR B 61 -10.84 12.02 -21.97
N LEU B 62 -10.14 12.84 -22.72
CA LEU B 62 -10.34 14.28 -22.78
C LEU B 62 -11.00 14.57 -24.14
N LYS B 63 -12.23 15.18 -24.14
CA LYS B 63 -13.02 15.54 -25.35
C LYS B 63 -12.18 16.26 -26.39
N ALA B 64 -12.38 15.91 -27.67
CA ALA B 64 -11.67 16.37 -28.86
C ALA B 64 -11.46 17.90 -29.03
N GLY B 65 -12.31 18.72 -28.40
CA GLY B 65 -12.17 20.17 -28.46
C GLY B 65 -11.68 20.74 -27.15
N TYR B 66 -10.47 20.30 -26.70
CA TYR B 66 -9.91 20.76 -25.42
C TYR B 66 -8.89 21.90 -25.55
N SER B 67 -8.82 22.76 -24.51
CA SER B 67 -7.84 23.85 -24.45
C SER B 67 -6.57 23.27 -23.83
N GLU B 68 -5.44 23.98 -23.93
CA GLU B 68 -4.17 23.53 -23.35
C GLU B 68 -4.25 23.47 -21.82
N LYS B 69 -5.05 24.38 -21.21
CA LYS B 69 -5.30 24.45 -19.77
C LYS B 69 -6.06 23.20 -19.33
N GLN B 70 -7.04 22.75 -20.13
CA GLN B 70 -7.84 21.56 -19.84
C GLN B 70 -7.00 20.30 -19.89
N ARG B 71 -5.99 20.26 -20.79
CA ARG B 71 -5.05 19.15 -20.94
C ARG B 71 -4.11 19.11 -19.71
N ARG B 72 -3.74 20.29 -19.19
CA ARG B 72 -2.87 20.52 -18.03
C ARG B 72 -3.55 20.01 -16.76
N ASP B 73 -4.85 20.34 -16.59
CA ASP B 73 -5.67 19.93 -15.44
C ASP B 73 -5.99 18.43 -15.50
N PHE B 74 -6.23 17.90 -16.72
CA PHE B 74 -6.52 16.48 -16.96
C PHE B 74 -5.34 15.61 -16.53
N LEU B 75 -4.13 15.90 -17.06
CA LEU B 75 -2.90 15.17 -16.80
C LEU B 75 -2.33 15.37 -15.40
N SER B 76 -2.71 16.49 -14.72
CA SER B 76 -2.23 16.73 -13.35
C SER B 76 -2.81 15.64 -12.41
N GLU B 77 -4.01 15.08 -12.73
CA GLU B 77 -4.62 13.98 -11.95
C GLU B 77 -3.73 12.74 -12.10
N ALA B 78 -3.28 12.42 -13.34
CA ALA B 78 -2.39 11.30 -13.64
C ALA B 78 -1.04 11.42 -12.91
N SER B 79 -0.49 12.65 -12.80
CA SER B 79 0.76 12.92 -12.07
C SER B 79 0.59 12.64 -10.57
N ILE B 80 -0.55 13.09 -9.97
CA ILE B 80 -0.85 12.84 -8.56
C ILE B 80 -0.98 11.32 -8.39
N MET B 81 -1.83 10.67 -9.21
CA MET B 81 -2.10 9.22 -9.16
C MET B 81 -0.86 8.34 -9.28
N GLY B 82 0.05 8.74 -10.13
CA GLY B 82 1.28 8.00 -10.40
C GLY B 82 2.23 7.96 -9.23
N GLN B 83 2.04 8.83 -8.21
CA GLN B 83 2.84 8.90 -6.98
C GLN B 83 2.36 7.88 -5.93
N PHE B 84 1.18 7.25 -6.16
CA PHE B 84 0.59 6.35 -5.18
C PHE B 84 0.64 4.89 -5.55
N ASP B 85 0.86 4.04 -4.54
CA ASP B 85 0.86 2.60 -4.72
C ASP B 85 0.27 1.95 -3.48
N HIS B 86 -1.06 2.02 -3.36
CA HIS B 86 -1.80 1.48 -2.23
C HIS B 86 -3.04 0.76 -2.70
N ARG B 87 -3.38 -0.34 -2.04
CA ARG B 87 -4.54 -1.19 -2.34
C ARG B 87 -5.86 -0.40 -2.35
N ASN B 88 -5.99 0.63 -1.48
CA ASN B 88 -7.22 1.39 -1.34
C ASN B 88 -7.17 2.75 -2.02
N ILE B 89 -6.25 2.92 -2.99
CA ILE B 89 -6.10 4.08 -3.88
C ILE B 89 -6.18 3.51 -5.29
N ILE B 90 -7.08 4.04 -6.13
CA ILE B 90 -7.25 3.60 -7.52
C ILE B 90 -5.89 3.59 -8.24
N ARG B 91 -5.53 2.44 -8.79
CA ARG B 91 -4.24 2.21 -9.41
C ARG B 91 -4.18 2.71 -10.85
N LEU B 92 -3.10 3.45 -11.15
CA LEU B 92 -2.80 3.93 -12.48
C LEU B 92 -2.12 2.79 -13.21
N GLU B 93 -2.75 2.29 -14.26
CA GLU B 93 -2.22 1.20 -15.08
C GLU B 93 -1.41 1.76 -16.25
N GLY B 94 -1.85 2.90 -16.79
CA GLY B 94 -1.16 3.52 -17.90
C GLY B 94 -1.65 4.92 -18.19
N VAL B 95 -0.87 5.64 -18.97
CA VAL B 95 -1.22 6.98 -19.44
C VAL B 95 -0.82 7.09 -20.88
N VAL B 96 -1.62 7.83 -21.65
CA VAL B 96 -1.33 8.11 -23.03
C VAL B 96 -1.20 9.63 -23.13
N THR B 97 0.03 10.14 -23.26
CA THR B 97 0.30 11.58 -23.33
C THR B 97 1.06 11.96 -24.60
N LYS B 98 1.81 11.00 -25.18
CA LYS B 98 2.62 11.23 -26.39
C LYS B 98 1.85 10.94 -27.70
N SER B 99 0.49 10.79 -27.60
CA SER B 99 -0.41 10.49 -28.72
C SER B 99 -1.69 11.35 -28.72
N ARG B 100 -2.37 11.42 -29.91
CA ARG B 100 -3.57 12.20 -30.26
C ARG B 100 -4.71 12.08 -29.21
N PRO B 101 -5.48 10.95 -29.05
CA PRO B 101 -6.44 10.92 -27.92
C PRO B 101 -5.68 10.62 -26.61
N VAL B 102 -5.64 11.59 -25.66
CA VAL B 102 -4.95 11.40 -24.39
C VAL B 102 -5.83 10.57 -23.46
N MET B 103 -5.22 9.68 -22.67
CA MET B 103 -5.98 8.77 -21.79
C MET B 103 -5.31 8.57 -20.45
N ILE B 104 -6.13 8.36 -19.38
CA ILE B 104 -5.71 7.97 -18.04
C ILE B 104 -6.36 6.59 -17.85
N ILE B 105 -5.51 5.55 -17.69
CA ILE B 105 -5.98 4.16 -17.59
C ILE B 105 -5.81 3.62 -16.18
N THR B 106 -6.91 3.16 -15.56
CA THR B 106 -6.89 2.63 -14.20
C THR B 106 -7.44 1.22 -14.14
N GLU B 107 -7.32 0.55 -12.99
CA GLU B 107 -7.91 -0.76 -12.79
C GLU B 107 -9.45 -0.64 -12.87
N PHE B 108 -10.10 -1.63 -13.48
CA PHE B 108 -11.54 -1.59 -13.65
C PHE B 108 -12.28 -1.90 -12.34
N MET B 109 -13.21 -1.02 -11.94
CA MET B 109 -13.97 -1.14 -10.72
C MET B 109 -15.37 -1.47 -11.11
N GLU B 110 -15.64 -2.77 -11.24
CA GLU B 110 -16.89 -3.36 -11.68
C GLU B 110 -18.14 -2.91 -10.91
N ASN B 111 -18.03 -2.72 -9.57
CA ASN B 111 -19.20 -2.35 -8.78
C ASN B 111 -19.42 -0.85 -8.67
N CYS B 112 -18.68 -0.04 -9.48
CA CYS B 112 -18.83 1.40 -9.64
C CYS B 112 -18.71 2.18 -8.32
N ALA B 113 -19.40 3.32 -8.20
CA ALA B 113 -19.39 4.21 -7.03
C ALA B 113 -20.01 3.54 -5.81
N LEU B 114 -19.40 3.75 -4.64
CA LEU B 114 -19.81 3.18 -3.38
C LEU B 114 -21.25 3.52 -2.98
N ASP B 115 -21.66 4.81 -3.07
CA ASP B 115 -23.02 5.24 -2.70
C ASP B 115 -24.11 4.50 -3.51
N SER B 116 -23.96 4.42 -4.85
CA SER B 116 -24.92 3.73 -5.71
C SER B 116 -24.86 2.20 -5.56
N PHE B 117 -23.68 1.67 -5.29
CA PHE B 117 -23.49 0.23 -5.04
C PHE B 117 -24.27 -0.21 -3.79
N LEU B 118 -24.15 0.55 -2.69
CA LEU B 118 -24.87 0.30 -1.43
C LEU B 118 -26.40 0.44 -1.57
N ARG B 119 -26.88 1.45 -2.33
CA ARG B 119 -28.32 1.64 -2.57
C ARG B 119 -28.90 0.46 -3.37
N GLN B 120 -28.12 -0.11 -4.29
CA GLN B 120 -28.53 -1.24 -5.13
C GLN B 120 -28.45 -2.58 -4.37
N ASN B 121 -27.90 -2.59 -3.14
CA ASN B 121 -27.73 -3.80 -2.33
C ASN B 121 -28.18 -3.52 -0.89
N ASP B 122 -29.26 -2.70 -0.72
CA ASP B 122 -29.79 -2.27 0.59
C ASP B 122 -30.13 -3.45 1.46
N GLY B 123 -29.46 -3.51 2.62
CA GLY B 123 -29.56 -4.57 3.61
C GLY B 123 -28.94 -5.91 3.23
N GLN B 124 -28.16 -5.98 2.15
CA GLN B 124 -27.55 -7.23 1.72
C GLN B 124 -26.11 -7.48 2.26
N PHE B 125 -25.59 -6.53 3.09
CA PHE B 125 -24.29 -6.66 3.78
C PHE B 125 -24.44 -6.56 5.29
N THR B 126 -23.65 -7.34 6.03
CA THR B 126 -23.64 -7.32 7.50
C THR B 126 -22.82 -6.11 7.97
N VAL B 127 -22.95 -5.75 9.28
CA VAL B 127 -22.22 -4.66 9.91
C VAL B 127 -20.71 -4.84 9.71
N ILE B 128 -20.18 -6.06 9.92
CA ILE B 128 -18.76 -6.37 9.76
C ILE B 128 -18.30 -6.20 8.30
N GLN B 129 -19.13 -6.56 7.32
CA GLN B 129 -18.78 -6.34 5.90
C GLN B 129 -18.65 -4.85 5.61
N LEU B 130 -19.56 -4.03 6.16
CA LEU B 130 -19.56 -2.58 6.00
C LEU B 130 -18.36 -1.94 6.69
N VAL B 131 -18.00 -2.44 7.91
CA VAL B 131 -16.84 -1.97 8.66
C VAL B 131 -15.54 -2.25 7.86
N GLY B 132 -15.49 -3.41 7.19
CA GLY B 132 -14.37 -3.77 6.33
C GLY B 132 -14.20 -2.78 5.19
N MET B 133 -15.30 -2.36 4.57
CA MET B 133 -15.29 -1.35 3.48
C MET B 133 -14.74 -0.01 4.02
N LEU B 134 -15.18 0.38 5.23
CA LEU B 134 -14.76 1.60 5.91
C LEU B 134 -13.30 1.57 6.30
N ARG B 135 -12.79 0.40 6.73
CA ARG B 135 -11.40 0.20 7.10
C ARG B 135 -10.49 0.38 5.86
N GLY B 136 -10.92 -0.16 4.71
CA GLY B 136 -10.19 0.03 3.45
C GLY B 136 -10.11 1.50 3.08
N ILE B 137 -11.23 2.24 3.18
CA ILE B 137 -11.26 3.69 2.86
C ILE B 137 -10.31 4.47 3.78
N ALA B 138 -10.37 4.19 5.10
CA ALA B 138 -9.50 4.83 6.10
C ALA B 138 -8.04 4.50 5.82
N ALA B 139 -7.74 3.25 5.34
CA ALA B 139 -6.38 2.81 5.01
C ALA B 139 -5.84 3.60 3.83
N GLY B 140 -6.67 3.79 2.78
CA GLY B 140 -6.31 4.59 1.62
C GLY B 140 -6.09 6.06 2.01
N MET B 141 -6.92 6.58 2.93
CA MET B 141 -6.80 7.97 3.42
C MET B 141 -5.58 8.19 4.32
N LYS B 142 -5.24 7.21 5.16
CA LYS B 142 -4.03 7.23 5.98
C LYS B 142 -2.81 7.35 5.05
N TYR B 143 -2.80 6.53 3.97
CA TYR B 143 -1.72 6.53 3.00
C TYR B 143 -1.59 7.90 2.33
N LEU B 144 -2.72 8.46 1.81
CA LEU B 144 -2.79 9.74 1.11
C LEU B 144 -2.35 10.90 2.04
N SER B 145 -2.90 10.97 3.25
CA SER B 145 -2.53 12.02 4.22
C SER B 145 -1.06 11.94 4.65
N GLU B 146 -0.52 10.72 4.82
CA GLU B 146 0.90 10.56 5.18
C GLU B 146 1.86 10.87 3.99
N MET B 147 1.36 10.91 2.74
CA MET B 147 2.09 11.33 1.53
C MET B 147 1.99 12.89 1.44
N ASN B 148 1.37 13.54 2.46
CA ASN B 148 1.17 14.98 2.60
C ASN B 148 0.15 15.58 1.61
N TYR B 149 -0.89 14.81 1.27
CA TYR B 149 -1.96 15.28 0.40
C TYR B 149 -3.26 15.47 1.17
N VAL B 150 -4.06 16.43 0.72
CA VAL B 150 -5.42 16.70 1.17
C VAL B 150 -6.28 16.39 -0.07
N HIS B 151 -7.32 15.56 0.09
CA HIS B 151 -8.19 15.12 -0.98
C HIS B 151 -9.20 16.20 -1.38
N ARG B 152 -9.92 16.75 -0.37
CA ARG B 152 -10.96 17.82 -0.41
C ARG B 152 -12.31 17.40 -1.01
N ASP B 153 -12.40 16.17 -1.53
CA ASP B 153 -13.61 15.70 -2.17
C ASP B 153 -13.96 14.26 -1.73
N LEU B 154 -13.66 13.93 -0.46
CA LEU B 154 -13.96 12.62 0.09
C LEU B 154 -15.49 12.48 0.38
N ALA B 155 -16.15 11.62 -0.42
CA ALA B 155 -17.59 11.33 -0.39
C ALA B 155 -17.78 9.90 -0.92
N ALA B 156 -18.86 9.20 -0.52
CA ALA B 156 -19.08 7.82 -1.04
C ALA B 156 -19.16 7.78 -2.55
N ARG B 157 -19.68 8.84 -3.18
CA ARG B 157 -19.74 8.95 -4.65
C ARG B 157 -18.33 8.97 -5.32
N ASN B 158 -17.23 9.29 -4.56
CA ASN B 158 -15.88 9.32 -5.11
C ASN B 158 -15.06 8.12 -4.66
N ILE B 159 -15.74 7.13 -4.10
CA ILE B 159 -15.14 5.86 -3.71
C ILE B 159 -15.65 4.78 -4.69
N LEU B 160 -14.74 4.04 -5.35
CA LEU B 160 -15.07 2.99 -6.32
C LEU B 160 -14.90 1.64 -5.68
N VAL B 161 -15.72 0.67 -6.12
CA VAL B 161 -15.76 -0.68 -5.55
C VAL B 161 -15.47 -1.72 -6.65
N ASN B 162 -14.56 -2.68 -6.40
CA ASN B 162 -14.26 -3.69 -7.42
C ASN B 162 -15.06 -4.97 -7.20
N SER B 163 -14.90 -5.96 -8.11
CA SER B 163 -15.59 -7.26 -8.05
C SER B 163 -15.36 -8.01 -6.74
N ASN B 164 -14.28 -7.70 -6.00
CA ASN B 164 -13.99 -8.34 -4.72
C ASN B 164 -14.39 -7.51 -3.52
N LEU B 165 -15.24 -6.47 -3.74
CA LEU B 165 -15.79 -5.56 -2.72
C LEU B 165 -14.73 -4.67 -2.02
N VAL B 166 -13.57 -4.49 -2.65
CA VAL B 166 -12.48 -3.64 -2.16
C VAL B 166 -12.81 -2.20 -2.55
N CYS B 167 -12.83 -1.29 -1.55
CA CYS B 167 -13.13 0.14 -1.70
C CYS B 167 -11.89 0.97 -1.91
N LYS B 168 -11.91 1.80 -2.93
CA LYS B 168 -10.73 2.59 -3.29
C LYS B 168 -11.06 4.04 -3.51
N VAL B 169 -10.20 4.92 -2.99
CA VAL B 169 -10.32 6.36 -3.14
C VAL B 169 -9.94 6.68 -4.60
N SER B 170 -10.68 7.61 -5.19
CA SER B 170 -10.49 8.08 -6.55
C SER B 170 -10.78 9.59 -6.65
N ASP B 171 -10.84 10.12 -7.89
CA ASP B 171 -11.14 11.54 -8.19
C ASP B 171 -10.18 12.49 -7.49
N PHE B 172 -8.94 12.52 -7.99
CA PHE B 172 -7.85 13.30 -7.40
C PHE B 172 -7.70 14.72 -7.93
N GLY B 173 -8.64 15.17 -8.76
CA GLY B 173 -8.65 16.52 -9.33
C GLY B 173 -8.49 17.65 -8.34
N LEU B 174 -9.16 17.57 -7.17
CA LEU B 174 -9.09 18.60 -6.13
C LEU B 174 -7.93 18.40 -5.15
N SER B 175 -7.21 17.26 -5.24
CA SER B 175 -6.14 16.93 -4.32
C SER B 175 -4.99 17.91 -4.41
N ARG B 176 -4.42 18.27 -3.25
CA ARG B 176 -3.33 19.24 -3.15
C ARG B 176 -2.26 18.80 -2.16
N TYR B 177 -1.00 19.06 -2.53
CA TYR B 177 0.15 18.78 -1.68
C TYR B 177 0.25 19.87 -0.60
N LEU B 178 0.32 19.47 0.68
CA LEU B 178 0.41 20.38 1.83
C LEU B 178 1.88 20.60 2.15
N THR B 182 5.24 22.68 7.71
CA THR B 182 5.51 22.99 9.11
C THR B 182 4.28 23.58 9.84
N SER B 183 4.26 23.47 11.19
CA SER B 183 3.22 23.91 12.13
C SER B 183 1.90 23.14 11.93
N ASP B 184 1.00 23.62 11.05
CA ASP B 184 -0.26 22.97 10.71
C ASP B 184 -0.40 22.99 9.18
N PRO B 185 -0.13 21.85 8.51
CA PRO B 185 -0.13 21.85 7.03
C PRO B 185 -1.53 22.14 6.50
N THR B 186 -1.66 23.23 5.74
CA THR B 186 -2.93 23.76 5.24
C THR B 186 -2.85 24.14 3.76
N PTR B 187 -3.93 23.84 3.04
CA PTR B 187 -4.12 24.26 1.67
C PTR B 187 -5.20 25.36 1.73
O PTR B 187 -6.32 25.09 2.20
CB PTR B 187 -4.23 23.17 0.58
CG PTR B 187 -4.70 23.77 -0.74
CD1 PTR B 187 -3.79 24.34 -1.71
CD2 PTR B 187 -6.08 23.77 -0.97
CE1 PTR B 187 -4.31 24.93 -2.92
CE2 PTR B 187 -6.59 24.32 -2.13
CZ PTR B 187 -5.76 24.89 -3.11
OH PTR B 187 -6.55 25.38 -4.19
P PTR B 187 -6.04 26.00 -5.49
O1P PTR B 187 -7.22 25.88 -6.42
O2P PTR B 187 -5.58 27.44 -5.22
O3P PTR B 187 -4.92 25.26 -6.12
N THR B 188 -4.87 26.56 1.26
CA THR B 188 -5.78 27.71 1.22
C THR B 188 -6.24 27.95 -0.22
N SER B 189 -7.55 27.80 -0.48
CA SER B 189 -8.10 28.06 -1.81
C SER B 189 -8.63 29.52 -1.84
N SER B 190 -9.11 30.02 -2.98
CA SER B 190 -9.66 31.38 -2.97
C SER B 190 -10.96 31.32 -2.09
N LEU B 191 -11.26 32.41 -1.36
CA LEU B 191 -12.38 32.46 -0.43
C LEU B 191 -13.74 32.12 -1.07
N GLY B 192 -13.89 32.41 -2.37
CA GLY B 192 -15.11 32.14 -3.12
C GLY B 192 -15.22 30.77 -3.77
N GLY B 193 -14.22 29.91 -3.55
CA GLY B 193 -14.16 28.57 -4.13
C GLY B 193 -15.28 27.63 -3.72
N LYS B 194 -15.89 26.96 -4.71
CA LYS B 194 -16.99 26.00 -4.55
C LYS B 194 -16.53 24.77 -3.77
N ILE B 195 -17.40 24.25 -2.88
CA ILE B 195 -17.10 23.07 -2.04
C ILE B 195 -18.33 22.13 -1.98
N PRO B 196 -18.21 20.77 -1.75
CA PRO B 196 -19.43 19.95 -1.49
C PRO B 196 -19.78 20.09 0.00
N VAL B 197 -20.64 21.07 0.30
CA VAL B 197 -21.01 21.57 1.64
C VAL B 197 -21.27 20.48 2.69
N ARG B 198 -22.13 19.49 2.42
CA ARG B 198 -22.51 18.54 3.47
C ARG B 198 -21.42 17.52 3.84
N TRP B 199 -20.29 17.46 3.07
CA TRP B 199 -19.11 16.63 3.35
C TRP B 199 -17.95 17.44 3.93
N THR B 200 -18.08 18.77 3.93
CA THR B 200 -17.00 19.69 4.31
C THR B 200 -17.05 20.15 5.76
N ALA B 201 -15.89 20.14 6.43
CA ALA B 201 -15.71 20.57 7.81
C ALA B 201 -16.11 22.04 7.97
N PRO B 202 -16.68 22.44 9.13
CA PRO B 202 -17.12 23.84 9.30
C PRO B 202 -16.03 24.90 9.14
N GLU B 203 -14.77 24.59 9.54
CA GLU B 203 -13.67 25.56 9.38
C GLU B 203 -13.24 25.65 7.89
N ALA B 204 -13.44 24.57 7.13
CA ALA B 204 -13.14 24.57 5.71
C ALA B 204 -14.21 25.37 4.96
N ILE B 205 -15.47 25.41 5.49
CA ILE B 205 -16.53 26.22 4.89
C ILE B 205 -16.27 27.71 5.21
N ALA B 206 -16.00 28.00 6.49
CA ALA B 206 -15.78 29.37 6.97
C ALA B 206 -14.52 30.05 6.43
N TYR B 207 -13.43 29.29 6.26
CA TYR B 207 -12.14 29.89 5.86
C TYR B 207 -11.57 29.40 4.53
N ARG B 208 -12.18 28.39 3.87
CA ARG B 208 -11.64 27.81 2.63
C ARG B 208 -10.17 27.37 2.79
N LYS B 209 -9.91 26.73 3.93
CA LYS B 209 -8.61 26.23 4.36
C LYS B 209 -8.85 24.76 4.65
N PHE B 210 -8.07 23.89 3.99
CA PHE B 210 -8.24 22.43 4.04
C PHE B 210 -7.00 21.77 4.61
N THR B 211 -7.20 20.78 5.49
CA THR B 211 -6.14 20.06 6.19
C THR B 211 -6.53 18.58 6.17
N SER B 212 -5.69 17.71 6.75
CA SER B 212 -6.03 16.31 6.87
C SER B 212 -7.19 16.16 7.84
N ALA B 213 -7.30 17.09 8.82
CA ALA B 213 -8.38 17.12 9.82
C ALA B 213 -9.74 17.43 9.18
N SER B 214 -9.77 18.24 8.10
CA SER B 214 -11.03 18.52 7.39
C SER B 214 -11.39 17.30 6.55
N ASP B 215 -10.39 16.54 6.03
CA ASP B 215 -10.64 15.25 5.34
C ASP B 215 -11.20 14.22 6.33
N VAL B 216 -10.75 14.24 7.61
CA VAL B 216 -11.26 13.37 8.68
C VAL B 216 -12.75 13.63 8.88
N TRP B 217 -13.17 14.92 8.89
CA TRP B 217 -14.58 15.29 8.99
C TRP B 217 -15.37 14.60 7.85
N SER B 218 -14.90 14.74 6.60
CA SER B 218 -15.51 14.12 5.39
C SER B 218 -15.62 12.62 5.56
N TYR B 219 -14.55 11.98 6.10
CA TYR B 219 -14.52 10.54 6.37
C TYR B 219 -15.69 10.12 7.28
N GLY B 220 -15.94 10.90 8.35
CA GLY B 220 -17.06 10.68 9.27
C GLY B 220 -18.39 10.67 8.54
N ILE B 221 -18.55 11.55 7.53
CA ILE B 221 -19.74 11.62 6.66
C ILE B 221 -19.82 10.35 5.80
N VAL B 222 -18.68 9.92 5.20
CA VAL B 222 -18.62 8.67 4.40
C VAL B 222 -19.03 7.47 5.28
N MET B 223 -18.58 7.44 6.56
CA MET B 223 -18.99 6.40 7.51
C MET B 223 -20.50 6.35 7.61
N TRP B 224 -21.13 7.54 7.77
CA TRP B 224 -22.58 7.62 7.88
C TRP B 224 -23.26 7.15 6.58
N GLU B 225 -22.71 7.53 5.41
CA GLU B 225 -23.23 7.11 4.09
C GLU B 225 -23.19 5.60 3.94
N VAL B 226 -22.11 4.97 4.40
CA VAL B 226 -21.93 3.52 4.32
C VAL B 226 -22.87 2.80 5.28
N MET B 227 -22.91 3.21 6.55
CA MET B 227 -23.77 2.52 7.54
C MET B 227 -25.27 2.70 7.23
N SER B 228 -25.65 3.68 6.41
CA SER B 228 -27.05 3.89 6.06
C SER B 228 -27.38 3.37 4.65
N PHE B 229 -26.47 2.57 4.05
CA PHE B 229 -26.64 1.98 2.71
C PHE B 229 -26.88 3.02 1.62
N GLY B 230 -26.08 4.09 1.67
CA GLY B 230 -26.09 5.14 0.67
C GLY B 230 -27.17 6.20 0.78
N GLU B 231 -27.57 6.52 2.01
CA GLU B 231 -28.52 7.61 2.20
C GLU B 231 -27.77 8.94 1.99
N ARG B 232 -28.48 10.00 1.55
CA ARG B 232 -27.90 11.31 1.35
C ARG B 232 -27.67 11.97 2.71
N PRO B 233 -26.42 12.42 3.01
CA PRO B 233 -26.17 13.09 4.30
C PRO B 233 -27.09 14.29 4.47
N TYR B 234 -27.76 14.37 5.64
CA TYR B 234 -28.72 15.44 6.02
C TYR B 234 -29.96 15.42 5.16
N TRP B 235 -30.18 14.31 4.43
CA TRP B 235 -31.37 14.08 3.60
C TRP B 235 -31.64 15.22 2.62
N ASP B 236 -32.83 15.83 2.68
CA ASP B 236 -33.25 16.92 1.82
C ASP B 236 -32.93 18.33 2.34
N MET B 237 -32.28 18.43 3.54
CA MET B 237 -31.90 19.73 4.13
C MET B 237 -31.05 20.50 3.12
N SER B 238 -31.28 21.82 3.01
CA SER B 238 -30.50 22.64 2.07
C SER B 238 -29.07 22.82 2.60
N ASN B 239 -28.14 23.31 1.75
CA ASN B 239 -26.76 23.58 2.13
C ASN B 239 -26.73 24.57 3.30
N GLN B 240 -27.57 25.60 3.24
CA GLN B 240 -27.77 26.63 4.26
C GLN B 240 -28.21 26.00 5.60
N ASP B 241 -29.20 25.09 5.56
CA ASP B 241 -29.72 24.36 6.73
C ASP B 241 -28.60 23.54 7.36
N VAL B 242 -27.78 22.87 6.53
CA VAL B 242 -26.66 22.06 7.01
C VAL B 242 -25.63 22.92 7.76
N ILE B 243 -25.21 24.06 7.17
CA ILE B 243 -24.25 25.00 7.78
C ILE B 243 -24.77 25.47 9.14
N ASN B 244 -26.07 25.84 9.22
CA ASN B 244 -26.67 26.31 10.48
C ASN B 244 -26.88 25.22 11.51
N ALA B 245 -27.15 23.97 11.08
CA ALA B 245 -27.35 22.85 11.99
C ALA B 245 -26.04 22.48 12.69
N ILE B 246 -24.94 22.45 11.92
CA ILE B 246 -23.58 22.16 12.42
C ILE B 246 -23.19 23.25 13.43
N GLU B 247 -23.47 24.53 13.09
CA GLU B 247 -23.24 25.70 13.94
C GLU B 247 -23.97 25.56 15.29
N GLN B 248 -25.18 24.97 15.30
CA GLN B 248 -25.98 24.78 16.53
C GLN B 248 -25.71 23.42 17.21
N ASP B 249 -24.53 22.84 16.90
CA ASP B 249 -24.00 21.57 17.43
C ASP B 249 -24.86 20.34 17.09
N TYR B 250 -25.63 20.39 15.98
CA TYR B 250 -26.37 19.21 15.53
C TYR B 250 -25.34 18.31 14.84
N ARG B 251 -25.50 17.00 14.99
CA ARG B 251 -24.71 15.97 14.35
C ARG B 251 -25.68 14.90 13.84
N LEU B 252 -25.35 14.25 12.71
CA LEU B 252 -26.20 13.20 12.14
C LEU B 252 -26.47 12.05 13.14
N PRO B 253 -27.71 11.53 13.22
CA PRO B 253 -28.00 10.45 14.20
C PRO B 253 -27.38 9.12 13.76
N PRO B 254 -27.26 8.10 14.63
CA PRO B 254 -26.71 6.83 14.14
C PRO B 254 -27.66 6.13 13.16
N PRO B 255 -27.18 5.62 12.01
CA PRO B 255 -28.09 4.89 11.10
C PRO B 255 -28.64 3.59 11.75
N MET B 256 -29.63 2.98 11.10
CA MET B 256 -30.30 1.75 11.52
C MET B 256 -29.28 0.63 11.69
N ASP B 257 -29.31 -0.06 12.83
CA ASP B 257 -28.45 -1.20 13.20
C ASP B 257 -26.94 -0.85 13.26
N CYS B 258 -26.60 0.43 13.42
CA CYS B 258 -25.23 0.90 13.56
C CYS B 258 -24.82 0.75 15.04
N PRO B 259 -23.70 0.08 15.29
CA PRO B 259 -23.20 -0.06 16.68
C PRO B 259 -22.80 1.29 17.28
N ALA B 260 -23.03 1.45 18.59
CA ALA B 260 -22.75 2.69 19.33
C ALA B 260 -21.30 3.17 19.20
N ALA B 261 -20.34 2.22 19.21
CA ALA B 261 -18.91 2.46 19.09
C ALA B 261 -18.55 3.05 17.71
N LEU B 262 -19.25 2.62 16.67
CA LEU B 262 -19.05 3.13 15.33
C LEU B 262 -19.67 4.54 15.20
N HIS B 263 -20.82 4.79 15.85
CA HIS B 263 -21.41 6.13 15.84
C HIS B 263 -20.52 7.08 16.65
N GLN B 264 -19.91 6.59 17.76
CA GLN B 264 -19.00 7.37 18.58
C GLN B 264 -17.79 7.81 17.74
N LEU B 265 -17.25 6.92 16.90
CA LEU B 265 -16.15 7.23 15.98
C LEU B 265 -16.58 8.34 14.97
N MET B 266 -17.82 8.26 14.44
CA MET B 266 -18.37 9.30 13.56
C MET B 266 -18.38 10.64 14.32
N LEU B 267 -18.86 10.63 15.59
CA LEU B 267 -18.91 11.85 16.42
C LEU B 267 -17.52 12.41 16.69
N ASP B 268 -16.52 11.55 16.83
CA ASP B 268 -15.10 11.93 17.02
C ASP B 268 -14.55 12.66 15.79
N CYS B 269 -14.94 12.21 14.58
CA CYS B 269 -14.56 12.80 13.29
C CYS B 269 -15.21 14.16 13.11
N TRP B 270 -16.38 14.36 13.77
CA TRP B 270 -17.15 15.58 13.68
C TRP B 270 -16.96 16.55 14.84
N GLN B 271 -15.82 16.45 15.56
CA GLN B 271 -15.54 17.39 16.67
C GLN B 271 -15.37 18.79 16.08
N LYS B 272 -16.00 19.81 16.72
CA LYS B 272 -15.93 21.21 16.29
C LYS B 272 -14.45 21.65 16.17
N ASP B 273 -13.64 21.37 17.22
CA ASP B 273 -12.21 21.67 17.22
C ASP B 273 -11.49 20.58 16.42
N ARG B 274 -10.94 20.97 15.26
CA ARG B 274 -10.23 20.07 14.34
C ARG B 274 -9.07 19.30 15.01
N ASN B 275 -8.45 19.89 16.04
CA ASN B 275 -7.34 19.31 16.78
C ASN B 275 -7.77 18.15 17.67
N SER B 276 -9.08 18.11 18.03
CA SER B 276 -9.67 17.05 18.84
C SER B 276 -10.09 15.83 17.98
N ARG B 277 -10.07 15.97 16.64
CA ARG B 277 -10.43 14.89 15.72
C ARG B 277 -9.32 13.83 15.67
N PRO B 278 -9.65 12.52 15.53
CA PRO B 278 -8.57 11.53 15.38
C PRO B 278 -7.89 11.68 14.00
N ARG B 279 -6.64 11.25 13.90
CA ARG B 279 -5.90 11.21 12.65
C ARG B 279 -6.28 9.89 11.94
N PHE B 280 -6.03 9.76 10.62
CA PHE B 280 -6.38 8.52 9.92
C PHE B 280 -5.70 7.26 10.48
N ALA B 281 -4.50 7.41 11.10
CA ALA B 281 -3.82 6.26 11.71
C ALA B 281 -4.62 5.72 12.91
N GLU B 282 -5.26 6.61 13.69
CA GLU B 282 -6.08 6.20 14.83
C GLU B 282 -7.40 5.58 14.35
N ILE B 283 -7.97 6.12 13.28
CA ILE B 283 -9.22 5.60 12.69
C ILE B 283 -9.04 4.13 12.26
N VAL B 284 -7.97 3.83 11.48
CA VAL B 284 -7.62 2.48 11.03
C VAL B 284 -7.47 1.55 12.25
N ASN B 285 -6.78 2.03 13.29
CA ASN B 285 -6.54 1.26 14.51
C ASN B 285 -7.83 0.91 15.23
N THR B 286 -8.76 1.87 15.32
CA THR B 286 -10.06 1.69 15.95
C THR B 286 -10.89 0.66 15.21
N LEU B 287 -10.91 0.73 13.86
CA LEU B 287 -11.64 -0.19 13.02
C LEU B 287 -11.06 -1.59 13.07
N ASP B 288 -9.70 -1.71 13.09
CA ASP B 288 -9.01 -3.00 13.25
C ASP B 288 -9.39 -3.68 14.55
N LYS B 289 -9.53 -2.90 15.66
CA LYS B 289 -9.95 -3.43 16.98
C LYS B 289 -11.42 -3.86 16.93
N MET B 290 -12.27 -3.10 16.22
CA MET B 290 -13.69 -3.40 16.06
C MET B 290 -13.92 -4.74 15.36
N ILE B 291 -13.13 -4.98 14.30
CA ILE B 291 -13.13 -6.21 13.49
C ILE B 291 -12.74 -7.43 14.32
N ARG B 292 -11.78 -7.25 15.25
CA ARG B 292 -11.27 -8.31 16.12
C ARG B 292 -12.03 -8.48 17.44
N ASN B 293 -12.87 -7.50 17.82
CA ASN B 293 -13.62 -7.61 19.06
C ASN B 293 -15.13 -7.57 18.79
N PRO B 294 -15.79 -8.74 18.62
CA PRO B 294 -17.24 -8.79 18.34
C PRO B 294 -18.17 -8.06 19.32
N ALA B 295 -17.77 -7.93 20.61
CA ALA B 295 -18.55 -7.23 21.64
C ALA B 295 -18.70 -5.73 21.33
N SER B 296 -17.66 -5.11 20.73
CA SER B 296 -17.62 -3.68 20.35
C SER B 296 -18.61 -3.30 19.22
N LEU B 297 -19.13 -4.29 18.48
CA LEU B 297 -20.07 -4.09 17.38
C LEU B 297 -21.48 -4.63 17.66
N LYS B 298 -21.93 -4.69 18.93
CA LYS B 298 -23.26 -5.17 19.32
C LYS B 298 -24.41 -4.29 18.74
N THR B 299 -24.76 -3.18 19.42
CA THR B 299 -25.82 -2.26 18.98
C THR B 299 -25.50 -0.84 19.46
C1 7O3 C . 7.02 -18.40 6.56
C2 7O3 C . 5.85 -17.61 6.35
C3 7O3 C . 4.93 -18.02 5.36
C7 7O3 C . 6.74 -23.01 2.71
C8 7O3 C . 3.65 -16.17 5.78
C9 7O3 C . 5.57 -16.37 7.01
C10 7O3 C . 6.40 -14.80 8.75
C11 7O3 C . 7.31 -13.77 8.50
C12 7O3 C . 7.34 -12.65 9.33
C13 7O3 C . 6.47 -12.57 10.41
C14 7O3 C . 5.59 -13.60 10.69
C15 7O3 C . 5.54 -14.69 9.84
CL1 7O3 C . 4.44 -15.98 10.20
O1 7O3 C . 8.24 -11.67 9.06
N3 7O3 C . 6.39 -15.93 7.98
N2 7O3 C . 4.44 -15.68 6.75
N1 7O3 C . 3.79 -17.29 5.08
C4 7O3 C . 5.18 -19.20 4.62
C5 7O3 C . 6.30 -19.97 4.89
C 7O3 C . 7.21 -19.55 5.86
N 7O3 C . 6.67 -21.14 4.21
C6 7O3 C . 5.92 -21.96 3.44
O 7O3 C . 4.69 -21.88 3.32
S SO4 D . -2.98 -9.79 -1.72
O1 SO4 D . -2.70 -9.06 -0.48
O2 SO4 D . -3.55 -11.09 -1.38
O3 SO4 D . -1.73 -9.98 -2.47
O4 SO4 D . -3.91 -8.99 -2.52
S SO4 E . 16.62 -25.32 -1.26
O1 SO4 E . 17.28 -26.37 -0.49
O2 SO4 E . 15.24 -25.69 -1.51
O3 SO4 E . 17.30 -25.13 -2.54
O4 SO4 E . 16.64 -24.07 -0.50
S SO4 F . 25.32 -16.12 5.20
O1 SO4 F . 24.80 -16.82 6.39
O2 SO4 F . 25.18 -14.66 5.35
O3 SO4 F . 26.74 -16.44 5.04
O4 SO4 F . 24.60 -16.59 4.02
C1 7O3 G . -15.55 5.11 -13.23
C2 7O3 G . -14.40 4.30 -12.99
C3 7O3 G . -14.56 2.90 -12.91
C7 7O3 G . -20.30 1.43 -13.22
C8 7O3 G . -12.32 2.64 -12.55
C9 7O3 G . -13.04 4.78 -12.86
C10 7O3 G . -11.63 6.85 -12.80
C11 7O3 G . -11.43 7.67 -11.69
C12 7O3 G . -10.27 8.42 -11.57
C13 7O3 G . -9.32 8.41 -12.59
C14 7O3 G . -9.52 7.63 -13.71
C15 7O3 G . -10.67 6.87 -13.83
CL1 7O3 G . -10.91 5.93 -15.25
O1 7O3 G . -10.13 9.21 -10.46
N3 7O3 G . -12.79 6.11 -12.96
N2 7O3 G . -12.02 3.95 -12.63
N1 7O3 G . -13.51 2.05 -12.70
C4 7O3 G . -15.86 2.35 -13.04
C5 7O3 G . -16.95 3.16 -13.28
C 7O3 G . -16.78 4.54 -13.33
N 7O3 G . -18.30 2.76 -13.34
C6 7O3 G . -18.82 1.54 -13.57
O 7O3 G . -18.19 0.56 -13.97
S SO4 H . -7.24 -6.05 -4.89
O1 SO4 H . -6.94 -5.91 -3.45
O2 SO4 H . -8.66 -6.42 -5.06
O3 SO4 H . -6.93 -4.80 -5.58
O4 SO4 H . -6.41 -7.13 -5.47
S SO4 I . -24.00 18.71 -3.42
O1 SO4 I . -23.21 18.40 -2.25
O2 SO4 I . -24.95 17.63 -3.69
O3 SO4 I . -23.06 18.86 -4.53
O4 SO4 I . -24.73 19.96 -3.20
#